data_6JZE
#
_entry.id   6JZE
#
_cell.length_a   72.690
_cell.length_b   111.115
_cell.length_c   126.454
_cell.angle_alpha   90.00
_cell.angle_beta   90.00
_cell.angle_gamma   90.00
#
_symmetry.space_group_name_H-M   'C 2 2 21'
#
loop_
_entity.id
_entity.type
_entity.pdbx_description
1 polymer 'Tubulinyl-Tyr carboxypeptidase 2'
2 polymer 'Small vasohibin-binding protein'
3 non-polymer '5-amino-2,4,6-triiodobenzene-1,3-dicarboxylic acid'
4 water water
#
loop_
_entity_poly.entity_id
_entity_poly.type
_entity_poly.pdbx_seq_one_letter_code
_entity_poly.pdbx_strand_id
1 'polypeptide(L)'
;VLFHVNKSGFPIDSHTWERMWLHVAKVHPRGGEMVGAIRNAAFLAKPSIPQVPNYRLSMTIPDWLQAIQNYMKTLQYNHT
GTQFFEIRKMRPLSGLMETAKEMTRESLPIKCLEAVILGIYLTNGQPSIERFPISFKTYFSGNYFHHVVLGIYCNGYYGS
LGMSRRAELMDKPLTFRTLSDLVFDFEDSYKKYLHTVKKVKIGLYVPHEPHSFQPIEWKQLVLNVSKMLRADIRKELEKY
ARDMRMKILKPASAHSPTQVRSRGKSLSPRRRQASPPRRLGRRDKSPALTEKKVADLGTLNEVGYQIRI
;
A
2 'polypeptide(L)'
;MHHHHHHHHHHSGDEVDAGSGHMDPPARKEKTKVKESVSRVEKAKQKSAQQELKQRQRAEIYALNRVMTELEQQQFDEFC
KQMQPPGE
;
B
#
loop_
_chem_comp.id
_chem_comp.type
_chem_comp.name
_chem_comp.formula
I3C non-polymer '5-amino-2,4,6-triiodobenzene-1,3-dicarboxylic acid' 'C8 H4 I3 N O4'
#
# COMPACT_ATOMS: atom_id res chain seq x y z
N LEU A 2 10.51 8.03 8.81
CA LEU A 2 11.20 8.74 7.73
C LEU A 2 11.45 7.81 6.52
N PHE A 3 12.70 7.77 6.07
CA PHE A 3 13.09 7.07 4.86
C PHE A 3 13.94 5.84 5.17
N HIS A 4 13.64 5.14 6.25
CA HIS A 4 14.34 3.92 6.61
C HIS A 4 13.62 2.73 5.98
N VAL A 5 14.33 1.96 5.16
CA VAL A 5 13.79 0.74 4.57
C VAL A 5 14.73 -0.42 4.89
N ASN A 6 14.14 -1.52 5.35
CA ASN A 6 14.90 -2.72 5.69
C ASN A 6 15.48 -3.37 4.43
N LYS A 7 16.80 -3.33 4.28
CA LYS A 7 17.48 -4.03 3.19
C LYS A 7 18.27 -5.24 3.69
N SER A 8 17.93 -5.78 4.85
CA SER A 8 18.62 -6.97 5.37
C SER A 8 17.75 -8.22 5.38
N GLY A 9 16.51 -8.17 4.90
CA GLY A 9 15.67 -9.36 5.03
C GLY A 9 15.30 -9.61 6.48
N PHE A 10 15.17 -10.90 6.84
CA PHE A 10 14.64 -11.33 8.13
C PHE A 10 15.38 -12.56 8.63
N PRO A 11 15.81 -12.58 9.90
CA PRO A 11 15.71 -11.52 10.92
C PRO A 11 16.33 -10.18 10.51
N ILE A 12 15.77 -9.09 11.04
CA ILE A 12 16.34 -7.77 10.84
C ILE A 12 17.67 -7.67 11.56
N ASP A 13 18.61 -6.94 10.96
CA ASP A 13 19.97 -6.86 11.48
C ASP A 13 20.09 -5.72 12.50
N SER A 14 21.12 -5.84 13.33
CA SER A 14 21.30 -4.90 14.44
C SER A 14 21.25 -3.46 13.97
N HIS A 15 21.94 -3.13 12.87
CA HIS A 15 21.93 -1.75 12.39
C HIS A 15 20.52 -1.27 12.09
N THR A 16 19.76 -2.05 11.29
CA THR A 16 18.41 -1.61 10.95
C THR A 16 17.53 -1.59 12.19
N TRP A 17 17.62 -2.65 13.00
CA TRP A 17 16.83 -2.71 14.21
C TRP A 17 17.12 -1.51 15.10
N GLU A 18 18.41 -1.23 15.35
CA GLU A 18 18.77 -0.09 16.19
C GLU A 18 18.32 1.21 15.58
N ARG A 19 18.44 1.36 14.26
CA ARG A 19 17.96 2.57 13.62
C ARG A 19 16.45 2.72 13.74
N MET A 20 15.71 1.61 13.73
CA MET A 20 14.28 1.68 13.95
C MET A 20 13.95 2.26 15.33
N TRP A 21 14.57 1.71 16.38
CA TRP A 21 14.25 2.17 17.73
C TRP A 21 14.70 3.61 17.97
N LEU A 22 15.82 4.01 17.40
CA LEU A 22 16.27 5.40 17.48
C LEU A 22 15.21 6.34 16.93
N HIS A 23 14.70 6.03 15.74
CA HIS A 23 13.75 6.93 15.10
C HIS A 23 12.49 7.10 15.94
N VAL A 24 11.94 6.01 16.47
CA VAL A 24 10.68 6.12 17.21
C VAL A 24 10.88 6.75 18.58
N ALA A 25 12.07 6.59 19.19
CA ALA A 25 12.37 7.34 20.41
C ALA A 25 12.28 8.85 20.20
N LYS A 26 12.59 9.33 18.99
CA LYS A 26 12.52 10.77 18.73
C LYS A 26 11.08 11.23 18.51
N VAL A 27 10.29 10.41 17.83
CA VAL A 27 8.94 10.83 17.47
C VAL A 27 7.99 10.66 18.65
N HIS A 28 8.23 9.70 19.49
CA HIS A 28 7.17 9.45 20.44
C HIS A 28 7.39 10.24 21.71
N PRO A 29 6.33 10.93 22.17
CA PRO A 29 6.46 11.78 23.37
C PRO A 29 7.14 11.09 24.54
N ARG A 30 6.72 9.86 24.84
CA ARG A 30 7.24 9.10 25.98
C ARG A 30 8.61 8.51 25.71
N GLY A 31 9.15 8.71 24.51
CA GLY A 31 10.56 8.49 24.21
C GLY A 31 11.15 7.14 24.58
N GLY A 32 12.13 7.17 25.49
CA GLY A 32 12.83 5.95 25.88
C GLY A 32 12.07 5.06 26.83
N GLU A 33 11.15 5.63 27.63
CA GLU A 33 10.25 4.80 28.42
C GLU A 33 9.46 3.87 27.51
N MET A 34 9.01 4.39 26.37
CA MET A 34 8.25 3.57 25.44
C MET A 34 9.12 2.46 24.85
N VAL A 35 10.28 2.81 24.31
CA VAL A 35 11.19 1.83 23.72
C VAL A 35 11.61 0.81 24.78
N GLY A 36 12.21 1.28 25.87
CA GLY A 36 12.70 0.38 26.88
C GLY A 36 11.64 -0.60 27.36
N ALA A 37 10.38 -0.17 27.36
CA ALA A 37 9.31 -1.01 27.90
C ALA A 37 8.97 -2.15 26.95
N ILE A 38 9.10 -1.95 25.65
CA ILE A 38 8.92 -3.05 24.71
C ILE A 38 10.17 -3.94 24.69
N ARG A 39 11.35 -3.33 24.55
CA ARG A 39 12.56 -4.09 24.27
C ARG A 39 13.04 -4.89 25.48
N ASN A 40 12.71 -4.46 26.69
CA ASN A 40 13.08 -5.19 27.89
C ASN A 40 11.93 -6.01 28.47
N ALA A 41 10.82 -6.12 27.75
CA ALA A 41 9.74 -7.00 28.19
C ALA A 41 10.26 -8.42 28.37
N ALA A 42 10.08 -8.96 29.58
CA ALA A 42 10.42 -10.36 29.80
C ALA A 42 9.72 -11.24 28.78
N PHE A 43 8.46 -10.92 28.50
CA PHE A 43 7.66 -11.76 27.65
C PHE A 43 6.71 -10.87 26.86
N LEU A 44 6.59 -11.12 25.58
CA LEU A 44 5.64 -10.38 24.74
C LEU A 44 4.60 -11.34 24.18
N ALA A 45 3.34 -10.94 24.29
CA ALA A 45 2.28 -11.70 23.63
C ALA A 45 2.55 -11.76 22.13
N LYS A 46 2.42 -12.96 21.58
CA LYS A 46 2.73 -13.19 20.18
C LYS A 46 1.52 -12.89 19.31
N PRO A 47 1.59 -11.91 18.41
CA PRO A 47 0.45 -11.59 17.56
C PRO A 47 0.08 -12.76 16.67
N SER A 48 -1.20 -13.09 16.62
CA SER A 48 -1.64 -14.18 15.76
C SER A 48 -1.33 -13.86 14.30
N ILE A 49 -1.10 -14.91 13.53
CA ILE A 49 -0.74 -14.82 12.12
C ILE A 49 -2.00 -15.07 11.30
N PRO A 50 -2.45 -14.11 10.50
CA PRO A 50 -3.68 -14.33 9.73
C PRO A 50 -3.41 -15.19 8.52
N GLN A 51 -4.33 -16.12 8.26
CA GLN A 51 -4.21 -16.99 7.09
C GLN A 51 -4.27 -16.15 5.83
N VAL A 52 -3.51 -16.58 4.84
CA VAL A 52 -3.58 -16.01 3.51
C VAL A 52 -4.95 -16.36 2.95
N PRO A 53 -5.77 -15.37 2.55
CA PRO A 53 -7.03 -15.67 1.87
C PRO A 53 -6.87 -16.68 0.75
N ASN A 54 -7.86 -17.53 0.61
CA ASN A 54 -7.98 -18.44 -0.54
C ASN A 54 -9.33 -18.18 -1.18
N TYR A 55 -9.38 -18.11 -2.52
CA TYR A 55 -10.67 -17.98 -3.21
C TYR A 55 -11.53 -19.24 -3.02
N ARG A 56 -12.80 -19.03 -2.67
CA ARG A 56 -13.77 -20.09 -2.45
C ARG A 56 -14.92 -19.94 -3.43
N LEU A 57 -15.56 -21.06 -3.75
CA LEU A 57 -16.69 -21.05 -4.67
C LEU A 57 -17.82 -20.18 -4.16
N SER A 58 -17.95 -20.03 -2.83
CA SER A 58 -19.03 -19.25 -2.24
C SER A 58 -18.83 -17.74 -2.34
N MET A 59 -17.68 -17.29 -2.81
CA MET A 59 -17.37 -15.87 -2.89
C MET A 59 -17.71 -15.32 -4.27
N THR A 60 -18.34 -14.14 -4.27
CA THR A 60 -18.36 -13.28 -5.44
C THR A 60 -17.00 -12.58 -5.57
N ILE A 61 -16.77 -11.95 -6.72
CA ILE A 61 -15.55 -11.17 -6.89
C ILE A 61 -15.47 -10.13 -5.77
N PRO A 62 -16.48 -9.26 -5.56
CA PRO A 62 -16.36 -8.31 -4.44
C PRO A 62 -16.03 -8.98 -3.12
N ASP A 63 -16.64 -10.14 -2.79
CA ASP A 63 -16.25 -10.87 -1.57
C ASP A 63 -14.75 -11.13 -1.56
N TRP A 64 -14.20 -11.55 -2.70
CA TRP A 64 -12.78 -11.90 -2.76
C TRP A 64 -11.92 -10.66 -2.55
N LEU A 65 -12.27 -9.54 -3.21
CA LEU A 65 -11.49 -8.32 -2.98
C LEU A 65 -11.53 -7.92 -1.52
N GLN A 66 -12.72 -7.93 -0.92
CA GLN A 66 -12.82 -7.59 0.49
C GLN A 66 -11.99 -8.55 1.34
N ALA A 67 -12.04 -9.85 1.05
CA ALA A 67 -11.20 -10.79 1.78
C ALA A 67 -9.73 -10.41 1.66
N ILE A 68 -9.30 -9.98 0.46
CA ILE A 68 -7.92 -9.56 0.31
C ILE A 68 -7.66 -8.30 1.11
N GLN A 69 -8.55 -7.31 0.97
CA GLN A 69 -8.39 -6.07 1.71
C GLN A 69 -8.38 -6.31 3.21
N ASN A 70 -9.23 -7.24 3.68
CA ASN A 70 -9.27 -7.54 5.10
C ASN A 70 -7.97 -8.18 5.57
N TYR A 71 -7.31 -8.96 4.70
CA TYR A 71 -6.02 -9.51 5.05
C TYR A 71 -5.00 -8.40 5.27
N MET A 72 -4.96 -7.43 4.35
CA MET A 72 -4.04 -6.29 4.46
C MET A 72 -4.33 -5.45 5.70
N LYS A 73 -5.60 -5.17 5.97
CA LYS A 73 -5.89 -4.41 7.18
C LYS A 73 -5.39 -5.13 8.42
N THR A 74 -5.49 -6.46 8.43
CA THR A 74 -5.02 -7.22 9.59
C THR A 74 -3.50 -7.21 9.70
N LEU A 75 -2.81 -7.20 8.56
CA LEU A 75 -1.38 -6.97 8.59
C LEU A 75 -1.04 -5.66 9.28
N GLN A 76 -1.98 -4.69 9.26
CA GLN A 76 -1.87 -3.35 9.85
C GLN A 76 -1.03 -2.39 9.00
N TYR A 77 -1.45 -1.13 8.93
CA TYR A 77 -0.61 -0.12 8.33
C TYR A 77 0.60 0.14 9.21
N ASN A 78 1.78 0.24 8.58
CA ASN A 78 3.07 0.32 9.27
C ASN A 78 3.36 1.78 9.63
N HIS A 79 3.32 2.10 10.93
CA HIS A 79 3.68 3.42 11.43
C HIS A 79 5.03 3.46 12.14
N THR A 80 5.86 2.43 12.01
CA THR A 80 7.10 2.35 12.81
C THR A 80 8.21 3.25 12.28
N GLY A 81 8.07 3.85 11.10
CA GLY A 81 9.16 4.52 10.47
C GLY A 81 9.99 3.62 9.57
N THR A 82 10.00 2.32 9.85
CA THR A 82 10.84 1.37 9.13
C THR A 82 9.95 0.47 8.27
N GLN A 83 10.05 0.68 6.95
CA GLN A 83 9.41 -0.22 6.01
C GLN A 83 10.17 -1.54 6.01
N PHE A 84 9.44 -2.66 6.11
CA PHE A 84 10.10 -3.93 6.36
C PHE A 84 10.39 -4.72 5.09
N PHE A 85 9.71 -4.43 3.99
CA PHE A 85 9.93 -5.15 2.75
C PHE A 85 10.41 -4.16 1.70
N GLU A 86 11.63 -4.38 1.21
CA GLU A 86 12.16 -3.49 0.18
C GLU A 86 11.40 -3.78 -1.10
N ILE A 87 10.73 -2.76 -1.62
CA ILE A 87 10.11 -2.83 -2.94
C ILE A 87 11.01 -2.06 -3.88
N ARG A 88 11.46 -2.72 -4.93
CA ARG A 88 12.16 -2.00 -6.01
C ARG A 88 11.22 -2.06 -7.22
N LYS A 89 10.41 -1.02 -7.37
CA LYS A 89 9.22 -1.14 -8.18
C LYS A 89 9.52 -1.37 -9.66
N MET A 90 10.73 -1.08 -10.12
CA MET A 90 11.05 -1.32 -11.51
C MET A 90 11.61 -2.73 -11.75
N ARG A 91 11.62 -3.58 -10.71
CA ARG A 91 11.95 -5.01 -10.78
C ARG A 91 10.99 -5.72 -11.74
N PRO A 92 11.33 -6.92 -12.24
CA PRO A 92 10.38 -7.65 -13.05
C PRO A 92 9.37 -8.26 -12.13
N LEU A 93 8.15 -8.45 -12.66
CA LEU A 93 7.07 -8.86 -11.77
C LEU A 93 7.48 -10.07 -10.92
N SER A 94 8.18 -11.02 -11.56
CA SER A 94 8.74 -12.21 -10.92
C SER A 94 9.38 -11.90 -9.57
N GLY A 95 10.34 -10.98 -9.55
CA GLY A 95 10.98 -10.64 -8.29
C GLY A 95 10.02 -9.98 -7.30
N LEU A 96 9.12 -9.13 -7.80
CA LEU A 96 8.17 -8.52 -6.88
C LEU A 96 7.22 -9.57 -6.32
N MET A 97 6.89 -10.58 -7.12
CA MET A 97 5.98 -11.59 -6.59
C MET A 97 6.63 -12.42 -5.50
N GLU A 98 7.97 -12.58 -5.57
CA GLU A 98 8.70 -13.21 -4.47
C GLU A 98 8.62 -12.37 -3.20
N THR A 99 8.87 -11.06 -3.30
CA THR A 99 8.75 -10.21 -2.12
C THR A 99 7.34 -10.26 -1.54
N ALA A 100 6.34 -10.44 -2.40
CA ALA A 100 4.97 -10.50 -1.90
C ALA A 100 4.73 -11.78 -1.09
N LYS A 101 5.18 -12.91 -1.60
CA LYS A 101 5.02 -14.16 -0.86
C LYS A 101 5.72 -14.07 0.49
N GLU A 102 6.86 -13.37 0.54
CA GLU A 102 7.57 -13.15 1.78
C GLU A 102 6.80 -12.24 2.74
N MET A 103 6.04 -11.28 2.22
CA MET A 103 5.15 -10.54 3.10
C MET A 103 4.18 -11.49 3.76
N THR A 104 3.74 -12.47 2.99
CA THR A 104 2.78 -13.44 3.46
C THR A 104 3.40 -14.35 4.52
N ARG A 105 4.70 -14.63 4.38
CA ARG A 105 5.37 -15.55 5.30
C ARG A 105 5.78 -14.84 6.59
N GLU A 106 6.29 -13.61 6.50
CA GLU A 106 6.74 -12.89 7.69
C GLU A 106 5.60 -12.19 8.42
N SER A 107 4.62 -11.69 7.70
CA SER A 107 3.35 -11.27 8.30
C SER A 107 3.54 -10.10 9.28
N LEU A 108 4.13 -9.05 8.75
CA LEU A 108 4.41 -7.78 9.38
C LEU A 108 3.59 -6.66 8.75
N PRO A 109 3.56 -5.47 9.34
CA PRO A 109 2.80 -4.36 8.77
C PRO A 109 3.44 -3.79 7.50
N ILE A 110 2.56 -3.23 6.65
CA ILE A 110 2.92 -2.79 5.31
C ILE A 110 2.45 -1.36 5.08
N LYS A 111 3.13 -0.67 4.15
CA LYS A 111 2.70 0.63 3.65
C LYS A 111 2.15 0.49 2.22
N CYS A 112 1.92 1.64 1.56
CA CYS A 112 1.06 1.66 0.38
C CYS A 112 1.69 0.89 -0.81
N LEU A 113 2.98 1.05 -1.04
CA LEU A 113 3.56 0.38 -2.20
C LEU A 113 3.62 -1.14 -2.02
N GLU A 114 4.07 -1.61 -0.85
CA GLU A 114 3.99 -3.03 -0.51
C GLU A 114 2.57 -3.58 -0.71
N ALA A 115 1.56 -2.82 -0.27
CA ALA A 115 0.17 -3.26 -0.43
C ALA A 115 -0.21 -3.42 -1.91
N VAL A 116 0.24 -2.53 -2.77
CA VAL A 116 -0.06 -2.67 -4.19
C VAL A 116 0.49 -4.00 -4.71
N ILE A 117 1.70 -4.37 -4.28
CA ILE A 117 2.38 -5.57 -4.77
C ILE A 117 1.73 -6.83 -4.21
N LEU A 118 1.26 -6.75 -2.97
CA LEU A 118 0.53 -7.84 -2.34
C LEU A 118 -0.83 -8.05 -2.99
N GLY A 119 -1.50 -6.97 -3.37
CA GLY A 119 -2.76 -7.10 -4.10
C GLY A 119 -2.58 -7.77 -5.45
N ILE A 120 -1.49 -7.49 -6.15
CA ILE A 120 -1.25 -8.14 -7.44
C ILE A 120 -1.05 -9.63 -7.23
N TYR A 121 -0.11 -9.97 -6.36
CA TYR A 121 0.16 -11.36 -5.99
C TYR A 121 -1.12 -12.11 -5.64
N LEU A 122 -1.94 -11.52 -4.78
CA LEU A 122 -3.14 -12.22 -4.30
C LEU A 122 -4.27 -12.24 -5.32
N THR A 123 -4.20 -11.45 -6.41
CA THR A 123 -5.20 -11.55 -7.47
C THR A 123 -4.63 -12.08 -8.77
N ASN A 124 -3.37 -12.53 -8.79
CA ASN A 124 -2.77 -13.02 -10.04
C ASN A 124 -3.54 -14.20 -10.64
N GLY A 125 -4.58 -14.66 -9.94
CA GLY A 125 -5.33 -15.82 -10.33
C GLY A 125 -6.83 -15.63 -10.54
N GLN A 126 -7.34 -14.40 -10.55
CA GLN A 126 -8.66 -14.18 -11.14
C GLN A 126 -8.44 -13.33 -12.37
N PRO A 127 -8.48 -13.93 -13.56
CA PRO A 127 -8.08 -13.21 -14.78
C PRO A 127 -9.13 -12.24 -15.26
N SER A 128 -10.37 -12.36 -14.76
CA SER A 128 -11.39 -11.34 -14.91
C SER A 128 -11.13 -10.10 -14.07
N ILE A 129 -10.12 -10.13 -13.19
CA ILE A 129 -9.74 -8.97 -12.39
C ILE A 129 -8.53 -8.35 -13.06
N GLU A 130 -8.71 -7.18 -13.67
CA GLU A 130 -7.57 -6.40 -14.16
C GLU A 130 -7.06 -5.50 -13.05
N ARG A 131 -5.75 -5.37 -12.98
CA ARG A 131 -5.12 -4.62 -11.91
C ARG A 131 -4.25 -3.57 -12.56
N PHE A 132 -4.26 -2.35 -12.00
CA PHE A 132 -3.33 -1.34 -12.48
C PHE A 132 -3.06 -0.30 -11.40
N PRO A 133 -1.79 0.05 -11.16
CA PRO A 133 -1.46 1.04 -10.13
C PRO A 133 -2.00 2.42 -10.44
N ILE A 134 -2.59 3.06 -9.43
CA ILE A 134 -2.93 4.48 -9.47
C ILE A 134 -2.09 5.21 -8.41
N SER A 135 -1.25 6.14 -8.88
CA SER A 135 -0.36 6.91 -8.02
C SER A 135 -0.79 8.38 -7.89
N PHE A 136 -0.56 8.94 -6.71
CA PHE A 136 -0.91 10.32 -6.38
C PHE A 136 0.31 11.06 -5.86
N LYS A 137 0.44 12.30 -6.30
CA LYS A 137 1.36 13.26 -5.71
C LYS A 137 0.50 14.39 -5.17
N THR A 138 0.55 14.59 -3.86
CA THR A 138 -0.31 15.58 -3.25
C THR A 138 0.56 16.63 -2.55
N TYR A 139 -0.06 17.77 -2.28
CA TYR A 139 0.57 18.85 -1.52
C TYR A 139 -0.24 19.06 -0.25
N PHE A 140 0.45 19.33 0.85
CA PHE A 140 -0.20 19.69 2.10
C PHE A 140 0.79 20.48 2.92
N SER A 141 0.45 21.73 3.20
CA SER A 141 1.14 22.52 4.21
C SER A 141 2.66 22.48 4.01
N GLY A 142 3.09 22.84 2.81
CA GLY A 142 4.50 23.02 2.54
C GLY A 142 5.25 21.77 2.13
N ASN A 143 4.61 20.61 2.12
CA ASN A 143 5.28 19.38 1.75
C ASN A 143 4.48 18.63 0.70
N TYR A 144 5.20 17.84 -0.07
CA TYR A 144 4.61 16.96 -1.07
C TYR A 144 4.56 15.55 -0.51
N PHE A 145 3.64 14.77 -1.05
CA PHE A 145 3.41 13.41 -0.58
C PHE A 145 3.16 12.51 -1.78
N HIS A 146 3.60 11.24 -1.66
CA HIS A 146 3.45 10.25 -2.73
C HIS A 146 2.72 9.03 -2.20
N HIS A 147 1.59 8.70 -2.82
CA HIS A 147 0.76 7.60 -2.35
C HIS A 147 0.31 6.80 -3.56
N VAL A 148 0.10 5.50 -3.37
CA VAL A 148 -0.29 4.65 -4.47
C VAL A 148 -1.28 3.62 -3.97
N VAL A 149 -2.24 3.28 -4.83
CA VAL A 149 -3.20 2.23 -4.58
C VAL A 149 -3.26 1.36 -5.82
N LEU A 150 -3.87 0.17 -5.69
CA LEU A 150 -3.99 -0.72 -6.83
C LEU A 150 -5.38 -0.53 -7.41
N GLY A 151 -5.45 0.12 -8.56
CA GLY A 151 -6.73 0.21 -9.25
C GLY A 151 -7.15 -1.17 -9.72
N ILE A 152 -8.43 -1.45 -9.65
CA ILE A 152 -8.89 -2.67 -10.28
C ILE A 152 -10.10 -2.39 -11.15
N TYR A 153 -10.24 -3.22 -12.17
CA TYR A 153 -11.32 -3.12 -13.13
C TYR A 153 -11.82 -4.52 -13.41
N CYS A 154 -13.10 -4.72 -13.22
CA CYS A 154 -13.64 -6.05 -13.42
C CYS A 154 -15.12 -5.95 -13.74
N ASN A 155 -15.51 -6.61 -14.83
CA ASN A 155 -16.91 -6.75 -15.25
C ASN A 155 -17.59 -5.40 -15.41
N GLY A 156 -16.86 -4.43 -15.94
CA GLY A 156 -17.42 -3.12 -16.20
C GLY A 156 -17.40 -2.12 -15.04
N TYR A 157 -16.78 -2.44 -13.91
CA TYR A 157 -16.70 -1.47 -12.83
C TYR A 157 -15.26 -1.32 -12.35
N TYR A 158 -15.00 -0.18 -11.72
CA TYR A 158 -13.70 0.20 -11.18
C TYR A 158 -13.79 0.25 -9.67
N GLY A 159 -12.73 -0.21 -9.03
CA GLY A 159 -12.57 -0.13 -7.58
C GLY A 159 -11.09 -0.07 -7.28
N SER A 160 -10.68 -0.34 -6.04
CA SER A 160 -9.27 -0.31 -5.73
C SER A 160 -9.01 -1.11 -4.45
N LEU A 161 -7.75 -1.54 -4.30
CA LEU A 161 -7.23 -2.14 -3.08
C LEU A 161 -6.06 -1.28 -2.64
N GLY A 162 -5.81 -1.21 -1.34
CA GLY A 162 -4.61 -0.50 -0.90
C GLY A 162 -4.54 -0.38 0.61
N MET A 163 -3.51 0.35 1.06
CA MET A 163 -3.33 0.63 2.47
C MET A 163 -2.89 2.07 2.66
N SER A 164 -3.35 2.67 3.74
CA SER A 164 -3.10 4.06 4.03
C SER A 164 -3.52 4.30 5.47
N ARG A 165 -2.86 5.26 6.13
CA ARG A 165 -3.32 5.80 7.41
C ARG A 165 -4.79 6.14 7.40
N ARG A 166 -5.29 6.60 6.25
CA ARG A 166 -6.65 7.14 6.13
C ARG A 166 -7.57 6.11 5.49
N ALA A 167 -8.75 5.92 6.10
CA ALA A 167 -9.63 4.88 5.60
C ALA A 167 -10.24 5.22 4.25
N GLU A 168 -10.17 6.48 3.82
CA GLU A 168 -10.80 6.90 2.57
C GLU A 168 -9.83 6.99 1.41
N LEU A 169 -8.57 6.64 1.61
CA LEU A 169 -7.57 6.66 0.55
C LEU A 169 -7.00 5.28 0.26
N MET A 170 -7.82 4.22 0.36
CA MET A 170 -7.27 2.90 0.05
C MET A 170 -8.26 2.09 -0.79
N ASP A 171 -9.01 1.21 -0.17
CA ASP A 171 -9.93 0.39 -0.94
C ASP A 171 -11.19 1.19 -1.30
N LYS A 172 -11.72 0.92 -2.49
CA LYS A 172 -12.98 1.51 -2.99
C LYS A 172 -13.72 0.33 -3.61
N PRO A 173 -15.02 0.15 -3.35
CA PRO A 173 -15.74 -1.00 -3.90
C PRO A 173 -15.83 -0.93 -5.41
N LEU A 174 -16.37 -1.99 -6.01
CA LEU A 174 -16.49 -2.09 -7.47
C LEU A 174 -17.82 -1.50 -7.95
N THR A 175 -18.02 -0.19 -7.71
CA THR A 175 -19.29 0.46 -8.05
C THR A 175 -19.09 1.73 -8.85
N PHE A 176 -17.88 1.99 -9.33
CA PHE A 176 -17.56 3.19 -10.09
C PHE A 176 -17.63 2.83 -11.57
N ARG A 177 -18.54 3.49 -12.27
CA ARG A 177 -18.79 3.16 -13.67
C ARG A 177 -17.62 3.55 -14.56
N THR A 178 -16.77 4.48 -14.11
CA THR A 178 -15.68 4.95 -14.95
C THR A 178 -14.42 5.16 -14.13
N LEU A 179 -13.30 5.19 -14.82
CA LEU A 179 -12.05 5.55 -14.18
C LEU A 179 -12.14 6.95 -13.58
N SER A 180 -12.73 7.92 -14.31
CA SER A 180 -12.85 9.28 -13.79
C SER A 180 -13.55 9.31 -12.44
N ASP A 181 -14.68 8.61 -12.33
CA ASP A 181 -15.41 8.60 -11.07
C ASP A 181 -14.53 8.08 -9.93
N LEU A 182 -13.69 7.08 -10.20
CA LEU A 182 -12.82 6.54 -9.17
C LEU A 182 -11.75 7.56 -8.77
N VAL A 183 -11.06 8.13 -9.77
CA VAL A 183 -10.02 9.11 -9.47
C VAL A 183 -10.60 10.34 -8.77
N PHE A 184 -11.76 10.82 -9.23
CA PHE A 184 -12.37 11.97 -8.58
C PHE A 184 -12.77 11.68 -7.14
N ASP A 185 -13.15 10.44 -6.83
CA ASP A 185 -13.42 10.06 -5.44
C ASP A 185 -12.19 10.19 -4.56
N PHE A 186 -11.02 9.75 -5.05
CA PHE A 186 -9.79 9.94 -4.28
C PHE A 186 -9.50 11.42 -4.11
N GLU A 187 -9.63 12.20 -5.19
CA GLU A 187 -9.45 13.64 -5.08
C GLU A 187 -10.38 14.23 -4.02
N ASP A 188 -11.66 13.84 -4.05
CA ASP A 188 -12.58 14.36 -3.05
C ASP A 188 -12.26 13.80 -1.67
N SER A 189 -11.75 12.56 -1.60
CA SER A 189 -11.26 12.06 -0.33
C SER A 189 -10.06 12.86 0.16
N TYR A 190 -9.18 13.28 -0.74
CA TYR A 190 -8.04 14.08 -0.29
C TYR A 190 -8.49 15.46 0.22
N LYS A 191 -9.55 16.03 -0.38
CA LYS A 191 -10.05 17.34 0.04
C LYS A 191 -10.35 17.35 1.55
N LYS A 192 -10.89 16.24 2.05
CA LYS A 192 -11.22 16.13 3.47
C LYS A 192 -10.00 16.38 4.34
N TYR A 193 -8.85 15.90 3.92
CA TYR A 193 -7.62 16.06 4.69
C TYR A 193 -6.81 17.27 4.23
N LEU A 194 -7.42 18.13 3.41
CA LEU A 194 -6.85 19.40 2.95
C LEU A 194 -5.66 19.20 2.03
N HIS A 195 -5.57 18.05 1.37
CA HIS A 195 -4.53 17.74 0.41
C HIS A 195 -4.96 18.16 -0.98
N THR A 196 -4.12 18.93 -1.66
CA THR A 196 -4.35 19.23 -3.08
C THR A 196 -3.65 18.14 -3.91
N VAL A 197 -4.38 17.52 -4.83
CA VAL A 197 -3.72 16.61 -5.76
C VAL A 197 -2.96 17.41 -6.80
N LYS A 198 -1.67 17.11 -6.95
CA LYS A 198 -0.78 17.71 -7.93
C LYS A 198 -0.66 16.86 -9.18
N LYS A 199 -0.37 15.58 -9.01
CA LYS A 199 -0.19 14.66 -10.11
C LYS A 199 -0.99 13.41 -9.86
N VAL A 200 -1.55 12.86 -10.93
CA VAL A 200 -2.10 11.51 -10.96
C VAL A 200 -1.39 10.74 -12.07
N LYS A 201 -0.85 9.58 -11.73
CA LYS A 201 -0.25 8.71 -12.73
C LYS A 201 -0.97 7.38 -12.70
N ILE A 202 -1.44 6.92 -13.85
CA ILE A 202 -2.05 5.60 -13.99
C ILE A 202 -1.10 4.68 -14.73
N GLY A 203 -0.93 3.43 -14.24
CA GLY A 203 -0.15 2.44 -14.93
C GLY A 203 -0.92 1.65 -15.99
N LEU A 204 -0.22 0.70 -16.61
CA LEU A 204 -0.85 -0.30 -17.46
C LEU A 204 -1.41 -1.43 -16.61
N TYR A 205 -2.30 -2.22 -17.21
CA TYR A 205 -2.67 -3.51 -16.62
C TYR A 205 -1.43 -4.30 -16.27
N VAL A 206 -1.44 -4.90 -15.10
CA VAL A 206 -0.34 -5.77 -14.68
C VAL A 206 -0.60 -7.17 -15.21
N PRO A 207 0.28 -7.72 -16.04
CA PRO A 207 0.15 -9.10 -16.49
C PRO A 207 -0.13 -10.05 -15.34
N HIS A 208 -0.92 -11.09 -15.61
CA HIS A 208 -1.27 -12.06 -14.58
C HIS A 208 -0.25 -13.18 -14.42
N GLU A 209 0.80 -13.23 -15.24
CA GLU A 209 1.88 -14.21 -15.06
C GLU A 209 2.77 -13.82 -13.89
N PRO A 210 2.73 -14.53 -12.76
CA PRO A 210 3.66 -14.20 -11.66
C PRO A 210 5.12 -14.50 -12.02
N HIS A 211 5.39 -15.12 -13.16
CA HIS A 211 6.75 -15.38 -13.61
C HIS A 211 7.23 -14.41 -14.67
N SER A 212 6.44 -13.39 -15.02
CA SER A 212 6.82 -12.42 -16.03
C SER A 212 8.19 -11.81 -15.75
N PHE A 213 8.86 -11.40 -16.81
CA PHE A 213 10.03 -10.56 -16.65
C PHE A 213 9.74 -9.11 -16.91
N GLN A 214 8.49 -8.78 -17.26
CA GLN A 214 8.10 -7.41 -17.47
C GLN A 214 7.99 -6.68 -16.14
N PRO A 215 8.52 -5.47 -16.03
CA PRO A 215 8.19 -4.63 -14.88
C PRO A 215 6.76 -4.10 -14.99
N ILE A 216 6.23 -3.68 -13.86
CA ILE A 216 5.04 -2.85 -13.87
C ILE A 216 5.39 -1.53 -14.56
N GLU A 217 4.54 -1.11 -15.49
CA GLU A 217 4.53 0.28 -15.98
C GLU A 217 3.74 1.14 -15.00
N TRP A 218 4.40 2.11 -14.36
CA TRP A 218 3.70 2.92 -13.36
C TRP A 218 3.23 4.27 -13.87
N LYS A 219 3.70 4.75 -15.03
CA LYS A 219 3.42 6.11 -15.48
C LYS A 219 3.07 6.12 -16.97
N GLN A 220 2.02 5.37 -17.32
CA GLN A 220 1.53 5.39 -18.69
C GLN A 220 0.80 6.68 -19.02
N LEU A 221 0.07 7.23 -18.06
CA LEU A 221 -0.61 8.51 -18.20
C LEU A 221 -0.29 9.35 -16.97
N VAL A 222 0.20 10.56 -17.19
CA VAL A 222 0.54 11.49 -16.12
C VAL A 222 -0.29 12.75 -16.31
N LEU A 223 -1.12 13.08 -15.32
CA LEU A 223 -1.99 14.25 -15.37
C LEU A 223 -1.60 15.22 -14.28
N ASN A 224 -1.21 16.43 -14.69
CA ASN A 224 -0.94 17.56 -13.79
C ASN A 224 -2.26 18.20 -13.34
N VAL A 225 -3.00 17.48 -12.48
CA VAL A 225 -4.40 17.81 -12.24
C VAL A 225 -4.61 19.17 -11.54
N SER A 226 -3.68 19.63 -10.70
CA SER A 226 -3.90 20.93 -10.05
C SER A 226 -3.92 22.08 -11.04
N LYS A 227 -3.38 21.86 -12.24
CA LYS A 227 -3.33 22.89 -13.27
C LYS A 227 -4.36 22.65 -14.37
N MET A 228 -5.24 21.66 -14.21
CA MET A 228 -6.27 21.37 -15.21
C MET A 228 -7.67 21.57 -14.63
N LEU A 229 -8.58 22.08 -15.47
CA LEU A 229 -9.99 22.08 -15.13
C LEU A 229 -10.52 20.64 -15.11
N ARG A 230 -11.60 20.42 -14.34
CA ARG A 230 -12.05 19.05 -14.08
C ARG A 230 -12.57 18.35 -15.33
N ALA A 231 -13.24 19.08 -16.23
CA ALA A 231 -13.75 18.47 -17.45
C ALA A 231 -12.62 17.91 -18.33
N ASP A 232 -11.47 18.58 -18.34
CA ASP A 232 -10.36 18.08 -19.12
C ASP A 232 -9.64 16.91 -18.43
N ILE A 233 -9.65 16.88 -17.10
CA ILE A 233 -9.22 15.66 -16.41
C ILE A 233 -10.10 14.50 -16.82
N ARG A 234 -11.42 14.73 -16.90
CA ARG A 234 -12.35 13.67 -17.27
C ARG A 234 -12.07 13.17 -18.69
N LYS A 235 -11.93 14.09 -19.63
CA LYS A 235 -11.72 13.71 -21.02
C LYS A 235 -10.46 12.87 -21.16
N GLU A 236 -9.38 13.29 -20.50
CA GLU A 236 -8.12 12.57 -20.59
C GLU A 236 -8.22 11.18 -19.97
N LEU A 237 -8.87 11.08 -18.80
CA LEU A 237 -8.94 9.79 -18.10
C LEU A 237 -9.81 8.81 -18.87
N GLU A 238 -10.93 9.27 -19.43
CA GLU A 238 -11.82 8.39 -20.18
C GLU A 238 -11.18 7.94 -21.48
N LYS A 239 -10.47 8.84 -22.17
CA LYS A 239 -9.76 8.44 -23.37
C LYS A 239 -8.73 7.35 -23.06
N TYR A 240 -8.01 7.51 -21.96
CA TYR A 240 -6.99 6.53 -21.62
C TYR A 240 -7.59 5.24 -21.07
N ALA A 241 -8.61 5.35 -20.23
CA ALA A 241 -9.33 4.16 -19.79
C ALA A 241 -9.88 3.38 -21.00
N ARG A 242 -10.44 4.08 -21.98
CA ARG A 242 -10.95 3.42 -23.18
C ARG A 242 -9.83 2.63 -23.84
N ASP A 243 -8.72 3.31 -24.11
CA ASP A 243 -7.53 2.65 -24.64
C ASP A 243 -7.22 1.35 -23.94
N MET A 244 -7.06 1.39 -22.61
CA MET A 244 -6.62 0.17 -21.95
C MET A 244 -7.71 -0.91 -21.89
N ARG A 245 -8.98 -0.56 -22.09
CA ARG A 245 -10.00 -1.61 -22.16
C ARG A 245 -9.97 -2.34 -23.48
N MET A 246 -9.55 -1.68 -24.56
CA MET A 246 -9.71 -2.26 -25.89
C MET A 246 -8.44 -2.19 -26.72
N LYS A 247 -7.28 -1.98 -26.11
CA LYS A 247 -6.04 -1.95 -26.88
C LYS A 247 -4.99 -2.78 -26.18
N ILE A 248 -3.86 -2.90 -26.86
CA ILE A 248 -2.62 -3.40 -26.30
C ILE A 248 -1.63 -2.25 -26.45
N LEU A 249 -1.60 -1.36 -25.46
CA LEU A 249 -0.74 -0.18 -25.46
C LEU A 249 0.67 -0.60 -25.11
N LYS A 250 1.64 -0.15 -25.90
CA LYS A 250 3.02 -0.46 -25.60
C LYS A 250 3.45 0.35 -24.39
N PRO A 251 4.09 -0.27 -23.39
CA PRO A 251 4.56 0.47 -22.21
C PRO A 251 5.22 1.80 -22.54
N ALA A 252 4.71 2.88 -21.95
CA ALA A 252 5.27 4.20 -22.19
C ALA A 252 6.74 4.25 -21.81
N SER A 253 7.15 3.53 -20.76
CA SER A 253 8.55 3.47 -20.36
C SER A 253 9.45 2.79 -21.39
N ALA A 254 8.88 2.24 -22.47
CA ALA A 254 9.69 1.65 -23.54
C ALA A 254 9.99 2.67 -24.62
N HIS A 255 8.95 3.27 -25.20
CA HIS A 255 9.13 4.28 -26.24
C HIS A 255 9.00 5.68 -25.67
N SER B 48 14.95 -23.48 16.14
CA SER B 48 15.81 -22.64 15.31
C SER B 48 15.99 -21.29 15.97
N ALA B 49 17.24 -20.91 16.28
CA ALA B 49 17.54 -19.57 16.74
C ALA B 49 16.85 -18.54 15.87
N GLN B 50 17.09 -18.61 14.56
CA GLN B 50 16.57 -17.60 13.64
C GLN B 50 15.04 -17.51 13.68
N GLN B 51 14.36 -18.65 13.86
CA GLN B 51 12.90 -18.61 13.96
C GLN B 51 12.46 -17.91 15.24
N GLU B 52 13.19 -18.17 16.34
CA GLU B 52 12.87 -17.53 17.62
C GLU B 52 13.07 -16.03 17.55
N LEU B 53 14.24 -15.60 17.05
CA LEU B 53 14.50 -14.18 16.85
C LEU B 53 13.39 -13.53 16.00
N LYS B 54 12.99 -14.18 14.91
CA LYS B 54 11.96 -13.62 14.04
C LYS B 54 10.60 -13.56 14.71
N GLN B 55 10.34 -14.42 15.70
CA GLN B 55 9.10 -14.31 16.48
C GLN B 55 9.17 -13.20 17.52
N ARG B 56 10.34 -13.01 18.14
CA ARG B 56 10.50 -11.89 19.05
C ARG B 56 10.49 -10.57 18.29
N GLN B 57 11.14 -10.51 17.13
CA GLN B 57 11.09 -9.28 16.36
C GLN B 57 9.68 -8.97 15.88
N ARG B 58 8.91 -9.99 15.54
CA ARG B 58 7.55 -9.72 15.09
C ARG B 58 6.70 -9.18 16.25
N ALA B 59 6.80 -9.81 17.42
CA ALA B 59 6.04 -9.30 18.55
C ALA B 59 6.48 -7.89 18.93
N GLU B 60 7.77 -7.58 18.78
CA GLU B 60 8.18 -6.23 19.11
C GLU B 60 7.69 -5.24 18.06
N ILE B 61 7.60 -5.68 16.80
CA ILE B 61 7.13 -4.79 15.75
C ILE B 61 5.67 -4.43 15.95
N TYR B 62 4.84 -5.44 16.24
CA TYR B 62 3.41 -5.16 16.42
C TYR B 62 3.16 -4.45 17.73
N ALA B 63 4.01 -4.62 18.74
CA ALA B 63 3.85 -3.81 19.94
C ALA B 63 4.23 -2.37 19.65
N LEU B 64 5.31 -2.17 18.90
CA LEU B 64 5.70 -0.82 18.49
C LEU B 64 4.66 -0.23 17.56
N ASN B 65 4.14 -1.04 16.62
CA ASN B 65 3.19 -0.49 15.66
C ASN B 65 1.95 0.06 16.36
N ARG B 66 1.37 -0.69 17.31
CA ARG B 66 0.12 -0.19 17.89
C ARG B 66 0.37 1.10 18.64
N VAL B 67 1.53 1.20 19.28
CA VAL B 67 1.90 2.44 19.95
C VAL B 67 1.97 3.58 18.95
N MET B 68 2.62 3.35 17.80
CA MET B 68 2.79 4.44 16.86
C MET B 68 1.48 4.76 16.13
N THR B 69 0.63 3.76 15.89
CA THR B 69 -0.68 4.07 15.30
C THR B 69 -1.51 4.89 16.26
N GLU B 70 -1.40 4.61 17.56
CA GLU B 70 -2.13 5.37 18.56
C GLU B 70 -1.64 6.81 18.62
N LEU B 71 -0.31 7.02 18.52
CA LEU B 71 0.23 8.38 18.48
C LEU B 71 -0.31 9.17 17.29
N GLU B 72 -0.24 8.57 16.10
CA GLU B 72 -0.69 9.23 14.88
C GLU B 72 -2.19 9.56 14.94
N GLN B 73 -3.01 8.65 15.46
CA GLN B 73 -4.44 8.91 15.51
C GLN B 73 -4.81 9.99 16.54
N GLN B 74 -4.05 10.12 17.63
CA GLN B 74 -4.28 11.25 18.53
C GLN B 74 -3.90 12.56 17.86
N GLN B 75 -2.74 12.59 17.21
CA GLN B 75 -2.27 13.81 16.54
C GLN B 75 -3.11 14.15 15.31
N PHE B 76 -3.69 13.14 14.65
CA PHE B 76 -4.64 13.42 13.59
C PHE B 76 -5.93 13.98 14.17
N ASP B 77 -6.47 13.32 15.20
CA ASP B 77 -7.71 13.78 15.81
C ASP B 77 -7.55 15.19 16.36
N GLU B 78 -6.47 15.44 17.10
CA GLU B 78 -6.19 16.75 17.68
C GLU B 78 -5.93 17.81 16.61
N PHE B 79 -5.58 17.40 15.40
CA PHE B 79 -5.47 18.30 14.27
C PHE B 79 -6.83 18.56 13.60
N CYS B 80 -7.65 17.51 13.45
CA CYS B 80 -9.03 17.74 13.08
C CYS B 80 -9.78 18.59 14.11
N LYS B 81 -9.15 18.95 15.22
CA LYS B 81 -9.67 19.98 16.12
C LYS B 81 -9.17 21.36 15.69
N GLN B 82 -7.90 21.67 16.01
CA GLN B 82 -7.29 22.93 15.63
C GLN B 82 -7.23 23.11 14.11
I3 I3C C . 3.50 10.12 -8.25
I2 I3C C . 4.51 5.78 -3.81
I1 I3C C . 9.00 7.63 -7.43
O8 I3C C . 6.79 8.99 -9.82
O9 I3C C . 7.45 10.46 -8.36
C10 I3C C . 7.31 5.98 -5.02
N13 I3C C . 2.91 8.04 -5.74
C1 I3C C . 6.14 8.61 -7.51
C6 I3C C . 4.77 8.75 -7.18
C5 I3C C . 4.29 7.94 -6.12
C4 I3C C . 5.12 7.04 -5.43
C3 I3C C . 6.45 6.95 -5.79
C2 I3C C . 6.97 7.73 -6.82
C7 I3C C . 6.82 9.41 -8.63
O11 I3C C . 8.08 6.44 -4.13
O12 I3C C . 7.25 4.76 -5.27
I3 I3C D . -2.38 -11.12 21.04
I2 I3C D . -4.67 -6.62 17.60
I1 I3C D . 0.86 -6.28 19.91
O8 I3C D . 0.47 -10.13 20.55
O9 I3C D . 0.16 -8.68 22.13
C10 I3C D . -1.78 -5.43 18.32
N13 I3C D . -4.53 -9.45 19.18
C1 I3C D . -1.11 -8.57 20.25
C6 I3C D . -2.28 -9.27 20.08
C5 I3C D . -3.35 -8.75 19.34
C4 I3C D . -3.15 -7.48 18.76
C3 I3C D . -1.96 -6.78 18.90
C2 I3C D . -0.94 -7.32 19.67
C7 I3C D . -0.07 -9.16 21.02
O11 I3C D . -2.16 -4.47 19.00
O12 I3C D . -1.23 -5.34 17.23
I3 I3C E . 16.80 -9.71 -14.98
I2 I3C E . 16.39 -4.42 -12.33
I1 I3C E . 19.37 -9.01 -9.61
O8 I3C E . 17.59 -11.26 -11.88
O9 I3C E . 19.46 -10.72 -12.89
C10 I3C E . 18.13 -6.03 -10.03
N13 I3C E . 16.07 -6.66 -14.45
C1 I3C E . 17.98 -9.01 -12.32
C6 I3C E . 17.23 -8.48 -13.37
C5 I3C E . 16.78 -7.17 -13.40
C4 I3C E . 17.09 -6.38 -12.29
C3 I3C E . 17.82 -6.88 -11.21
C2 I3C E . 18.25 -8.21 -11.23
C7 I3C E . 18.39 -10.43 -12.36
O11 I3C E . 19.20 -5.39 -10.05
O12 I3C E . 17.32 -6.03 -9.08
I3 I3C F . 14.92 -8.85 19.78
I2 I3C F . 20.67 -10.71 20.84
I1 I3C F . 19.26 -7.99 15.66
O8 I3C F . 16.04 -8.46 15.95
O9 I3C F . 15.84 -6.97 17.54
C10 I3C F . 21.09 -9.52 18.04
N13 I3C F . 17.47 -10.19 21.38
C1 I3C F . 17.41 -8.64 17.99
C6 I3C F . 16.96 -9.08 19.23
C5 I3C F . 17.88 -9.70 20.08
C4 I3C F . 19.19 -9.81 19.65
C3 I3C F . 19.62 -9.35 18.42
C2 I3C F . 18.73 -8.74 17.57
C7 I3C F . 16.37 -7.99 17.08
O11 I3C F . 21.92 -8.64 18.36
O12 I3C F . 21.45 -10.55 17.40
#